data_6HQH
#
_entry.id   6HQH
#
_cell.length_a   40.340
_cell.length_b   63.690
_cell.length_c   43.750
_cell.angle_alpha   90.00
_cell.angle_beta   104.81
_cell.angle_gamma   90.00
#
_symmetry.space_group_name_H-M   'P 1 21 1'
#
loop_
_entity.id
_entity.type
_entity.pdbx_description
1 polymer 'Membrane-bound lytic murein transglycosylase F'
2 non-polymer Deoxyfructosylglutamine
3 non-polymer 1,2-ETHANEDIOL
4 water water
#
_entity_poly.entity_id   1
_entity_poly.type   'polypeptide(L)'
_entity_poly.pdbx_seq_one_letter_code
;MGSSHHHHHHSSGLVPRGSHDNPLGLIDPTTISVGTMGDAKPYAFTTADGNFTGFDIELFLNVAGRLGFKKEQVVFTGQE
FSALMPSVANGRFDVAAAAIGTTAKRKETVDFSDGYLAGFLSVLTSEAGITDAAGLKGKRLGVVQGTLQEIYAEKNFAGT
DLVKFPDNNSAVSALNNGTVDAHFLDFEAAKDYSARYPALKIAVNIPSFDAPAGFVIRKGNDALRNALDKGLKEAMQDGT
WKKLHEKWFPGTPMPAAYLPKQHHHHHH
;
_entity_poly.pdbx_strand_id   A
#
loop_
_chem_comp.id
_chem_comp.type
_chem_comp.name
_chem_comp.formula
EDO non-polymer 1,2-ETHANEDIOL 'C2 H6 O2'
SNW non-polymer Deoxyfructosylglutamine 'C11 H20 N2 O8'
#
# COMPACT_ATOMS: atom_id res chain seq x y z
N ASP A 21 17.83 13.53 -23.32
CA ASP A 21 17.56 12.10 -23.39
C ASP A 21 16.56 11.69 -22.31
N ASN A 22 15.87 10.56 -22.54
CA ASN A 22 14.90 10.02 -21.58
C ASN A 22 15.34 8.59 -21.19
N PRO A 23 16.46 8.40 -20.43
CA PRO A 23 16.90 7.03 -20.11
C PRO A 23 15.93 6.23 -19.24
N LEU A 24 15.17 6.89 -18.37
CA LEU A 24 14.22 6.22 -17.48
C LEU A 24 12.82 6.02 -18.10
N GLY A 25 12.67 6.39 -19.38
CA GLY A 25 11.42 6.25 -20.13
C GLY A 25 10.23 6.88 -19.42
N LEU A 26 10.43 8.12 -18.93
CA LEU A 26 9.42 8.89 -18.21
C LEU A 26 8.51 9.64 -19.20
N ILE A 27 7.31 10.08 -18.74
CA ILE A 27 6.39 10.88 -19.57
C ILE A 27 7.11 12.19 -19.98
N ASP A 28 7.80 12.81 -19.00
CA ASP A 28 8.62 14.01 -19.15
C ASP A 28 9.94 13.76 -18.38
N PRO A 29 11.11 13.74 -19.07
CA PRO A 29 12.38 13.39 -18.38
C PRO A 29 12.86 14.27 -17.22
N THR A 30 12.21 15.43 -17.00
CA THR A 30 12.56 16.37 -15.92
C THR A 30 11.72 16.17 -14.65
N THR A 31 10.65 15.33 -14.73
CA THR A 31 9.72 15.11 -13.63
C THR A 31 9.30 13.64 -13.52
N ILE A 32 8.95 13.18 -12.32
CA ILE A 32 8.42 11.84 -12.09
C ILE A 32 6.97 11.99 -11.63
N SER A 33 6.04 11.42 -12.39
CA SER A 33 4.61 11.48 -12.06
C SER A 33 4.23 10.21 -11.34
N VAL A 34 3.85 10.37 -10.06
CA VAL A 34 3.51 9.23 -9.20
C VAL A 34 2.01 9.19 -8.89
N GLY A 35 1.40 8.03 -9.11
CA GLY A 35 0.02 7.74 -8.76
C GLY A 35 0.01 7.16 -7.36
N THR A 36 -0.80 7.73 -6.44
CA THR A 36 -0.84 7.28 -5.06
C THR A 36 -2.26 7.40 -4.46
N MET A 37 -2.36 7.37 -3.11
CA MET A 37 -3.61 7.49 -2.41
C MET A 37 -3.59 8.60 -1.37
N GLY A 38 -4.69 9.35 -1.29
CA GLY A 38 -4.81 10.44 -0.32
C GLY A 38 -5.38 9.98 1.00
N ASP A 39 -5.87 8.74 1.05
CA ASP A 39 -6.54 8.17 2.20
C ASP A 39 -6.01 6.80 2.66
N ALA A 40 -4.69 6.52 2.50
CA ALA A 40 -4.12 5.24 2.92
C ALA A 40 -3.13 5.39 4.12
N LYS A 41 -3.49 6.25 5.10
CA LYS A 41 -2.66 6.56 6.28
C LYS A 41 -2.31 5.29 7.09
N PRO A 42 -1.03 5.08 7.51
CA PRO A 42 0.15 5.94 7.34
C PRO A 42 1.05 5.60 6.13
N TYR A 43 0.57 4.78 5.21
CA TYR A 43 1.38 4.45 4.00
C TYR A 43 1.46 5.66 3.06
N ALA A 44 0.31 6.24 2.73
CA ALA A 44 0.21 7.37 1.82
C ALA A 44 -1.05 8.09 2.15
N PHE A 45 -0.95 9.40 2.31
CA PHE A 45 -2.10 10.25 2.65
C PHE A 45 -1.74 11.72 2.52
N THR A 46 -2.75 12.57 2.57
CA THR A 46 -2.54 14.01 2.47
C THR A 46 -2.66 14.68 3.81
N THR A 47 -1.96 15.80 3.98
CA THR A 47 -2.09 16.69 5.14
C THR A 47 -3.15 17.76 4.77
N ALA A 48 -3.44 18.69 5.69
CA ALA A 48 -4.42 19.76 5.48
C ALA A 48 -4.14 20.67 4.28
N ASP A 49 -2.87 20.87 3.90
CA ASP A 49 -2.57 21.71 2.73
C ASP A 49 -2.70 20.92 1.40
N GLY A 50 -3.05 19.64 1.49
CA GLY A 50 -3.20 18.74 0.35
C GLY A 50 -1.93 18.05 -0.11
N ASN A 51 -0.78 18.38 0.50
CA ASN A 51 0.47 17.70 0.13
C ASN A 51 0.47 16.26 0.62
N PHE A 52 1.16 15.39 -0.10
CA PHE A 52 1.26 13.95 0.22
C PHE A 52 2.36 13.64 1.23
N THR A 53 2.12 12.63 2.07
CA THR A 53 3.05 12.19 3.11
C THR A 53 2.74 10.71 3.45
N GLY A 54 3.49 10.16 4.39
CA GLY A 54 3.36 8.77 4.78
C GLY A 54 4.62 8.02 4.40
N PHE A 55 4.74 6.78 4.88
CA PHE A 55 5.91 5.95 4.64
C PHE A 55 6.30 5.81 3.19
N ASP A 56 5.37 5.31 2.35
CA ASP A 56 5.63 5.07 0.92
C ASP A 56 6.07 6.34 0.19
N ILE A 57 5.44 7.49 0.55
CA ILE A 57 5.73 8.81 -0.04
C ILE A 57 7.16 9.25 0.31
N GLU A 58 7.49 9.26 1.61
CA GLU A 58 8.84 9.64 2.06
C GLU A 58 9.92 8.70 1.52
N LEU A 59 9.63 7.40 1.45
CA LEU A 59 10.57 6.43 0.90
C LEU A 59 10.78 6.66 -0.60
N PHE A 60 9.69 6.89 -1.34
CA PHE A 60 9.80 7.15 -2.78
C PHE A 60 10.64 8.39 -3.09
N LEU A 61 10.39 9.50 -2.37
CA LEU A 61 11.12 10.78 -2.56
C LEU A 61 12.58 10.60 -2.25
N ASN A 62 12.88 9.79 -1.23
CA ASN A 62 14.24 9.45 -0.87
C ASN A 62 14.93 8.68 -2.02
N VAL A 63 14.26 7.66 -2.59
CA VAL A 63 14.77 6.84 -3.71
C VAL A 63 14.99 7.72 -4.96
N ALA A 64 13.96 8.52 -5.33
CA ALA A 64 13.99 9.45 -6.46
C ALA A 64 15.15 10.45 -6.33
N GLY A 65 15.41 10.93 -5.11
CA GLY A 65 16.49 11.85 -4.78
C GLY A 65 17.86 11.30 -5.14
N ARG A 66 18.04 9.97 -4.95
CA ARG A 66 19.28 9.27 -5.29
C ARG A 66 19.45 9.17 -6.80
N LEU A 67 18.34 9.26 -7.56
CA LEU A 67 18.30 9.20 -9.01
C LEU A 67 18.44 10.60 -9.64
N GLY A 68 18.61 11.61 -8.77
CA GLY A 68 18.81 13.00 -9.18
C GLY A 68 17.56 13.82 -9.34
N PHE A 69 16.45 13.38 -8.72
CA PHE A 69 15.18 14.07 -8.79
C PHE A 69 14.83 14.66 -7.43
N LYS A 70 14.84 16.01 -7.34
CA LYS A 70 14.53 16.73 -6.11
C LYS A 70 13.03 16.63 -5.81
N LYS A 71 12.62 16.93 -4.58
CA LYS A 71 11.22 16.85 -4.12
C LYS A 71 10.24 17.65 -5.01
N GLU A 72 10.68 18.78 -5.60
CA GLU A 72 9.87 19.63 -6.47
C GLU A 72 9.69 19.02 -7.86
N GLN A 73 10.51 17.99 -8.21
CA GLN A 73 10.48 17.29 -9.50
C GLN A 73 9.61 16.01 -9.46
N VAL A 74 8.94 15.77 -8.33
CA VAL A 74 8.10 14.61 -8.15
C VAL A 74 6.67 15.08 -7.89
N VAL A 75 5.77 14.70 -8.78
CA VAL A 75 4.37 15.11 -8.66
C VAL A 75 3.54 13.91 -8.19
N PHE A 76 2.62 14.11 -7.23
CA PHE A 76 1.77 13.02 -6.75
C PHE A 76 0.32 13.29 -7.09
N THR A 77 -0.41 12.25 -7.51
CA THR A 77 -1.85 12.34 -7.82
C THR A 77 -2.58 11.26 -7.03
N GLY A 78 -3.58 11.66 -6.27
CA GLY A 78 -4.40 10.73 -5.50
C GLY A 78 -5.48 10.10 -6.33
N GLN A 79 -5.58 8.77 -6.26
CA GLN A 79 -6.53 7.95 -7.00
C GLN A 79 -7.09 6.86 -6.09
N GLU A 80 -8.22 6.25 -6.48
CA GLU A 80 -8.75 5.12 -5.71
C GLU A 80 -7.81 3.95 -6.01
N PHE A 81 -7.66 3.03 -5.06
CA PHE A 81 -6.72 1.93 -5.22
C PHE A 81 -6.80 1.24 -6.57
N SER A 82 -8.01 0.79 -6.96
CA SER A 82 -8.24 0.05 -8.21
C SER A 82 -7.80 0.76 -9.49
N ALA A 83 -7.64 2.10 -9.46
CA ALA A 83 -7.26 2.85 -10.68
C ALA A 83 -5.75 2.97 -10.85
N LEU A 84 -4.99 2.72 -9.80
CA LEU A 84 -3.53 2.87 -9.82
C LEU A 84 -2.79 2.04 -10.87
N MET A 85 -2.93 0.71 -10.82
CA MET A 85 -2.21 -0.15 -11.78
C MET A 85 -2.68 0.10 -13.21
N PRO A 86 -4.00 0.17 -13.53
CA PRO A 86 -4.41 0.50 -14.90
C PRO A 86 -3.93 1.88 -15.39
N SER A 87 -3.80 2.87 -14.48
CA SER A 87 -3.29 4.21 -14.86
C SER A 87 -1.80 4.11 -15.25
N VAL A 88 -1.02 3.25 -14.56
CA VAL A 88 0.40 3.03 -14.91
C VAL A 88 0.49 2.27 -16.25
N ALA A 89 -0.36 1.23 -16.43
CA ALA A 89 -0.44 0.40 -17.65
C ALA A 89 -0.77 1.24 -18.90
N ASN A 90 -1.61 2.31 -18.73
CA ASN A 90 -2.06 3.26 -19.78
C ASN A 90 -1.15 4.48 -20.00
N GLY A 91 -0.04 4.56 -19.28
CA GLY A 91 0.88 5.69 -19.41
C GLY A 91 0.47 7.00 -18.75
N ARG A 92 -0.54 6.98 -17.85
CA ARG A 92 -1.00 8.18 -17.12
CA ARG A 92 -1.02 8.17 -17.11
C ARG A 92 0.06 8.62 -16.08
N PHE A 93 0.72 7.64 -15.43
CA PHE A 93 1.78 7.88 -14.43
C PHE A 93 3.01 7.03 -14.71
N ASP A 94 4.20 7.53 -14.29
CA ASP A 94 5.46 6.78 -14.41
C ASP A 94 5.55 5.70 -13.35
N VAL A 95 5.02 5.97 -12.14
CA VAL A 95 5.10 5.06 -10.98
C VAL A 95 3.80 5.11 -10.18
N ALA A 96 3.49 4.04 -9.45
CA ALA A 96 2.42 4.01 -8.46
C ALA A 96 3.04 3.50 -7.14
N ALA A 97 2.76 4.21 -6.04
CA ALA A 97 3.30 3.88 -4.72
C ALA A 97 2.19 4.02 -3.70
N ALA A 98 1.69 2.89 -3.19
CA ALA A 98 0.58 2.87 -2.21
C ALA A 98 0.43 1.50 -1.56
N ALA A 99 1.53 0.97 -0.96
CA ALA A 99 1.59 -0.34 -0.30
C ALA A 99 1.05 -1.43 -1.26
N ILE A 100 1.44 -1.35 -2.57
CA ILE A 100 0.92 -2.25 -3.59
C ILE A 100 1.60 -3.61 -3.54
N GLY A 101 0.88 -4.61 -3.05
CA GLY A 101 1.35 -5.99 -2.96
C GLY A 101 1.83 -6.56 -4.28
N THR A 102 3.02 -7.14 -4.29
CA THR A 102 3.60 -7.73 -5.49
C THR A 102 3.06 -9.15 -5.69
N THR A 103 2.34 -9.40 -6.82
CA THR A 103 1.81 -10.73 -7.15
C THR A 103 2.01 -11.08 -8.66
N ALA A 104 1.94 -12.37 -8.98
CA ALA A 104 2.04 -12.84 -10.38
C ALA A 104 0.82 -12.31 -11.17
N LYS A 105 -0.38 -12.28 -10.53
CA LYS A 105 -1.61 -11.78 -11.15
C LYS A 105 -1.44 -10.32 -11.60
N ARG A 106 -0.85 -9.48 -10.73
CA ARG A 106 -0.60 -8.05 -11.01
C ARG A 106 0.51 -7.88 -12.04
N LYS A 107 1.47 -8.80 -12.04
CA LYS A 107 2.60 -8.84 -13.00
C LYS A 107 2.14 -9.14 -14.44
N GLU A 108 0.86 -9.54 -14.63
CA GLU A 108 0.27 -9.77 -15.98
C GLU A 108 0.15 -8.42 -16.71
N THR A 109 -0.06 -7.31 -15.97
CA THR A 109 -0.28 -5.98 -16.59
C THR A 109 0.78 -4.91 -16.29
N VAL A 110 1.53 -5.06 -15.18
CA VAL A 110 2.53 -4.08 -14.73
C VAL A 110 3.81 -4.77 -14.24
N ASP A 111 4.89 -4.00 -14.05
CA ASP A 111 6.14 -4.48 -13.46
C ASP A 111 6.26 -3.88 -12.03
N PHE A 112 7.09 -4.50 -11.20
CA PHE A 112 7.31 -4.04 -9.82
C PHE A 112 8.78 -3.89 -9.52
N SER A 113 9.08 -2.94 -8.63
CA SER A 113 10.43 -2.79 -8.09
C SER A 113 10.61 -3.95 -7.09
N ASP A 114 11.79 -4.06 -6.46
CA ASP A 114 12.03 -5.01 -5.37
C ASP A 114 11.10 -4.61 -4.20
N GLY A 115 10.83 -5.56 -3.32
CA GLY A 115 9.91 -5.33 -2.21
C GLY A 115 10.47 -4.40 -1.14
N TYR A 116 9.59 -3.67 -0.46
CA TYR A 116 10.08 -2.74 0.58
C TYR A 116 9.24 -2.74 1.84
N LEU A 117 8.21 -3.60 1.88
CA LEU A 117 7.35 -3.77 3.04
C LEU A 117 6.59 -5.08 2.97
N ALA A 118 6.61 -5.84 4.06
CA ALA A 118 5.90 -7.11 4.12
C ALA A 118 5.18 -7.21 5.46
N GLY A 119 3.86 -7.27 5.42
CA GLY A 119 3.10 -7.28 6.65
C GLY A 119 1.85 -8.13 6.59
N PHE A 120 0.87 -7.73 7.41
CA PHE A 120 -0.38 -8.46 7.59
C PHE A 120 -1.61 -7.81 6.95
N LEU A 121 -2.60 -8.64 6.62
CA LEU A 121 -3.94 -8.24 6.17
C LEU A 121 -4.77 -8.42 7.43
N SER A 122 -5.49 -7.40 7.83
CA SER A 122 -6.17 -7.36 9.11
C SER A 122 -7.67 -7.23 9.04
N VAL A 123 -8.35 -7.89 9.97
CA VAL A 123 -9.82 -7.86 10.13
C VAL A 123 -10.13 -6.92 11.28
N LEU A 124 -10.71 -5.77 10.95
CA LEU A 124 -11.07 -4.72 11.90
C LEU A 124 -12.55 -4.84 12.26
N THR A 125 -12.85 -4.88 13.58
CA THR A 125 -14.23 -5.06 14.06
C THR A 125 -14.41 -4.61 15.52
N SER A 126 -15.66 -4.41 15.92
CA SER A 126 -16.01 -4.08 17.30
C SER A 126 -16.59 -5.35 17.96
N GLU A 127 -16.69 -6.43 17.17
CA GLU A 127 -17.23 -7.72 17.60
C GLU A 127 -16.12 -8.64 18.11
N ALA A 128 -15.89 -8.60 19.44
CA ALA A 128 -14.89 -9.38 20.16
C ALA A 128 -15.02 -10.91 19.97
N GLY A 129 -16.23 -11.36 19.58
CA GLY A 129 -16.54 -12.76 19.25
C GLY A 129 -15.73 -13.29 18.08
N ILE A 130 -15.41 -12.43 17.09
CA ILE A 130 -14.58 -12.78 15.93
C ILE A 130 -13.15 -12.83 16.44
N THR A 131 -12.53 -14.02 16.44
CA THR A 131 -11.20 -14.28 16.97
C THR A 131 -10.25 -14.82 15.88
N ASP A 132 -10.82 -15.43 14.81
CA ASP A 132 -10.05 -16.00 13.70
C ASP A 132 -10.91 -16.11 12.43
N ALA A 133 -10.32 -16.69 11.35
CA ALA A 133 -10.93 -16.93 10.04
C ALA A 133 -12.31 -17.58 10.12
N ALA A 134 -12.44 -18.63 10.97
CA ALA A 134 -13.69 -19.40 11.19
C ALA A 134 -14.79 -18.56 11.87
N GLY A 135 -14.39 -17.45 12.50
CA GLY A 135 -15.34 -16.55 13.15
C GLY A 135 -16.06 -15.65 12.16
N LEU A 136 -15.57 -15.61 10.90
CA LEU A 136 -16.17 -14.80 9.83
C LEU A 136 -17.39 -15.46 9.18
N LYS A 137 -17.84 -16.64 9.70
CA LYS A 137 -19.04 -17.31 9.20
C LYS A 137 -20.25 -16.52 9.71
N GLY A 138 -21.22 -16.30 8.84
CA GLY A 138 -22.45 -15.57 9.13
C GLY A 138 -22.24 -14.11 9.39
N LYS A 139 -21.16 -13.54 8.81
CA LYS A 139 -20.76 -12.14 8.97
C LYS A 139 -20.74 -11.40 7.62
N ARG A 140 -20.92 -10.08 7.64
CA ARG A 140 -20.86 -9.21 6.44
C ARG A 140 -19.46 -8.58 6.49
N LEU A 141 -18.60 -8.88 5.51
CA LEU A 141 -17.21 -8.39 5.49
C LEU A 141 -16.96 -7.36 4.41
N GLY A 142 -16.41 -6.23 4.83
CA GLY A 142 -16.07 -5.15 3.92
C GLY A 142 -14.68 -5.39 3.35
N VAL A 143 -14.50 -5.09 2.07
CA VAL A 143 -13.21 -5.17 1.37
C VAL A 143 -13.16 -4.00 0.42
N VAL A 144 -11.95 -3.51 0.10
CA VAL A 144 -11.84 -2.43 -0.89
C VAL A 144 -11.65 -3.09 -2.25
N GLN A 145 -12.36 -2.58 -3.28
CA GLN A 145 -12.33 -3.05 -4.67
C GLN A 145 -10.89 -3.11 -5.16
N GLY A 146 -10.52 -4.25 -5.73
CA GLY A 146 -9.20 -4.46 -6.32
C GLY A 146 -8.04 -4.77 -5.39
N THR A 147 -8.28 -4.91 -4.06
CA THR A 147 -7.20 -5.19 -3.11
C THR A 147 -6.88 -6.70 -2.96
N LEU A 148 -5.73 -7.03 -2.32
CA LEU A 148 -5.36 -8.43 -2.09
C LEU A 148 -6.31 -9.05 -1.09
N GLN A 149 -6.92 -8.19 -0.24
CA GLN A 149 -7.92 -8.55 0.76
C GLN A 149 -9.15 -9.14 0.07
N GLU A 150 -9.61 -8.51 -1.03
CA GLU A 150 -10.76 -9.01 -1.81
C GLU A 150 -10.48 -10.41 -2.32
N ILE A 151 -9.28 -10.64 -2.91
CA ILE A 151 -8.87 -11.93 -3.45
C ILE A 151 -8.82 -12.97 -2.33
N TYR A 152 -8.10 -12.65 -1.24
CA TYR A 152 -7.96 -13.55 -0.09
C TYR A 152 -9.33 -13.98 0.43
N ALA A 153 -10.28 -13.04 0.64
CA ALA A 153 -11.61 -13.37 1.15
C ALA A 153 -12.42 -14.25 0.19
N GLU A 154 -12.30 -14.01 -1.13
CA GLU A 154 -13.00 -14.79 -2.16
C GLU A 154 -12.49 -16.24 -2.21
N LYS A 155 -11.20 -16.45 -1.98
CA LYS A 155 -10.56 -17.76 -1.99
C LYS A 155 -10.74 -18.51 -0.65
N ASN A 156 -10.54 -17.81 0.48
CA ASN A 156 -10.49 -18.43 1.81
C ASN A 156 -11.71 -18.23 2.69
N PHE A 157 -12.52 -17.18 2.46
CA PHE A 157 -13.69 -16.93 3.29
C PHE A 157 -15.00 -17.21 2.53
N ALA A 158 -15.04 -18.30 1.75
CA ALA A 158 -16.25 -18.67 1.03
C ALA A 158 -17.46 -18.77 1.99
N GLY A 159 -18.57 -18.18 1.58
CA GLY A 159 -19.80 -18.14 2.38
C GLY A 159 -19.96 -16.83 3.15
N THR A 160 -18.84 -16.09 3.38
CA THR A 160 -18.88 -14.79 4.05
C THR A 160 -19.30 -13.73 3.03
N ASP A 161 -20.46 -13.09 3.25
CA ASP A 161 -20.98 -12.04 2.37
C ASP A 161 -19.99 -10.88 2.29
N LEU A 162 -19.51 -10.63 1.07
CA LEU A 162 -18.56 -9.56 0.82
C LEU A 162 -19.27 -8.30 0.36
N VAL A 163 -18.82 -7.14 0.88
CA VAL A 163 -19.36 -5.82 0.55
C VAL A 163 -18.19 -5.00 0.00
N LYS A 164 -18.21 -4.73 -1.30
CA LYS A 164 -17.12 -4.03 -1.98
C LYS A 164 -17.28 -2.51 -1.87
N PHE A 165 -16.24 -1.86 -1.35
CA PHE A 165 -16.19 -0.41 -1.17
C PHE A 165 -15.10 0.20 -2.05
N PRO A 166 -15.23 1.47 -2.50
CA PRO A 166 -14.13 2.05 -3.32
C PRO A 166 -12.92 2.46 -2.46
N ASP A 167 -13.10 2.63 -1.12
CA ASP A 167 -12.04 3.06 -0.22
C ASP A 167 -12.28 2.66 1.25
N ASN A 168 -11.22 2.75 2.08
CA ASN A 168 -11.29 2.42 3.50
C ASN A 168 -12.28 3.30 4.24
N ASN A 169 -12.28 4.61 3.92
CA ASN A 169 -13.17 5.61 4.55
C ASN A 169 -14.65 5.19 4.46
N SER A 170 -15.13 4.82 3.24
CA SER A 170 -16.52 4.37 3.05
C SER A 170 -16.83 3.06 3.80
N ALA A 171 -15.87 2.12 3.80
CA ALA A 171 -15.97 0.81 4.46
C ALA A 171 -16.08 0.96 5.99
N VAL A 172 -15.23 1.83 6.57
CA VAL A 172 -15.21 2.11 8.02
C VAL A 172 -16.47 2.88 8.41
N SER A 173 -16.96 3.78 7.54
CA SER A 173 -18.21 4.50 7.78
C SER A 173 -19.37 3.48 7.91
N ALA A 174 -19.41 2.44 7.02
CA ALA A 174 -20.43 1.39 7.09
C ALA A 174 -20.20 0.47 8.29
N LEU A 175 -18.94 0.35 8.75
CA LEU A 175 -18.59 -0.46 9.93
C LEU A 175 -19.09 0.26 11.20
N ASN A 176 -18.92 1.60 11.23
CA ASN A 176 -19.37 2.46 12.34
C ASN A 176 -20.90 2.53 12.38
N ASN A 177 -21.55 2.50 11.20
CA ASN A 177 -23.02 2.54 10.99
C ASN A 177 -23.72 1.21 11.33
N GLY A 178 -22.94 0.13 11.44
CA GLY A 178 -23.45 -1.21 11.74
C GLY A 178 -24.01 -1.97 10.55
N THR A 179 -23.69 -1.53 9.32
CA THR A 179 -24.18 -2.18 8.09
C THR A 179 -23.26 -3.34 7.68
N VAL A 180 -21.98 -3.35 8.13
CA VAL A 180 -21.06 -4.47 7.94
C VAL A 180 -20.55 -4.88 9.34
N ASP A 181 -20.18 -6.16 9.54
CA ASP A 181 -19.67 -6.66 10.82
C ASP A 181 -18.19 -6.38 11.00
N ALA A 182 -17.44 -6.45 9.89
CA ALA A 182 -16.00 -6.21 9.88
C ALA A 182 -15.50 -5.65 8.55
N HIS A 183 -14.24 -5.13 8.55
CA HIS A 183 -13.59 -4.61 7.36
C HIS A 183 -12.19 -5.19 7.28
N PHE A 184 -11.82 -5.66 6.10
CA PHE A 184 -10.55 -6.33 5.81
C PHE A 184 -9.59 -5.34 5.09
N LEU A 185 -8.50 -4.93 5.76
CA LEU A 185 -7.59 -3.92 5.19
C LEU A 185 -6.12 -4.12 5.63
N ASP A 186 -5.19 -3.23 5.22
CA ASP A 186 -3.79 -3.34 5.60
C ASP A 186 -3.60 -3.07 7.09
N PHE A 187 -2.71 -3.85 7.74
CA PHE A 187 -2.48 -3.77 9.18
C PHE A 187 -2.27 -2.35 9.72
N GLU A 188 -1.37 -1.57 9.10
CA GLU A 188 -1.05 -0.23 9.61
C GLU A 188 -2.22 0.74 9.47
N ALA A 189 -3.02 0.55 8.41
CA ALA A 189 -4.22 1.34 8.17
C ALA A 189 -5.31 0.91 9.16
N ALA A 190 -5.43 -0.39 9.48
CA ALA A 190 -6.40 -0.89 10.48
C ALA A 190 -6.05 -0.27 11.86
N LYS A 191 -4.74 -0.22 12.20
CA LYS A 191 -4.21 0.37 13.46
C LYS A 191 -4.62 1.84 13.53
N ASP A 192 -4.50 2.59 12.40
CA ASP A 192 -4.88 4.01 12.31
C ASP A 192 -6.38 4.18 12.60
N TYR A 193 -7.26 3.35 11.95
CA TYR A 193 -8.71 3.42 12.20
C TYR A 193 -9.08 3.04 13.63
N SER A 194 -8.31 2.12 14.26
CA SER A 194 -8.52 1.70 15.66
C SER A 194 -8.28 2.88 16.60
N ALA A 195 -7.31 3.76 16.27
CA ALA A 195 -7.00 4.98 17.04
C ALA A 195 -8.10 6.03 16.84
N ARG A 196 -8.60 6.17 15.61
CA ARG A 196 -9.65 7.14 15.25
C ARG A 196 -11.00 6.74 15.81
N TYR A 197 -11.28 5.41 15.89
CA TYR A 197 -12.54 4.84 16.37
C TYR A 197 -12.18 3.72 17.37
N PRO A 198 -12.09 4.09 18.67
CA PRO A 198 -11.60 3.15 19.70
C PRO A 198 -12.37 1.84 19.88
N ALA A 199 -13.65 1.79 19.47
CA ALA A 199 -14.46 0.58 19.57
C ALA A 199 -14.01 -0.47 18.55
N LEU A 200 -13.28 -0.04 17.51
CA LEU A 200 -12.80 -0.96 16.47
C LEU A 200 -11.44 -1.54 16.85
N LYS A 201 -11.33 -2.88 16.79
CA LYS A 201 -10.10 -3.59 17.16
C LYS A 201 -9.65 -4.56 16.07
N ILE A 202 -8.33 -4.85 15.99
CA ILE A 202 -7.83 -5.84 15.03
C ILE A 202 -8.03 -7.22 15.67
N ALA A 203 -8.94 -8.02 15.12
CA ALA A 203 -9.28 -9.32 15.66
C ALA A 203 -8.56 -10.51 15.00
N VAL A 204 -8.23 -10.36 13.70
CA VAL A 204 -7.54 -11.37 12.89
C VAL A 204 -6.43 -10.71 12.09
N ASN A 205 -5.23 -11.34 12.07
CA ASN A 205 -4.07 -10.93 11.29
C ASN A 205 -3.66 -12.08 10.38
N ILE A 206 -3.68 -11.82 9.06
CA ILE A 206 -3.32 -12.81 8.04
C ILE A 206 -1.99 -12.43 7.39
N PRO A 207 -0.99 -13.34 7.36
CA PRO A 207 0.31 -13.00 6.73
C PRO A 207 0.20 -12.72 5.23
N SER A 208 0.91 -11.69 4.76
CA SER A 208 0.97 -11.28 3.36
C SER A 208 2.43 -11.02 2.95
N PHE A 209 3.36 -11.78 3.58
CA PHE A 209 4.80 -11.69 3.33
C PHE A 209 5.17 -12.19 1.93
N ASP A 210 4.27 -12.97 1.30
CA ASP A 210 4.46 -13.46 -0.08
C ASP A 210 4.06 -12.36 -1.11
N ALA A 211 3.46 -11.25 -0.63
CA ALA A 211 3.12 -10.15 -1.55
C ALA A 211 3.69 -8.81 -1.03
N PRO A 212 5.04 -8.65 -0.96
CA PRO A 212 5.59 -7.40 -0.42
C PRO A 212 5.23 -6.20 -1.28
N ALA A 213 5.15 -5.01 -0.66
CA ALA A 213 4.87 -3.79 -1.40
C ALA A 213 6.04 -3.51 -2.33
N GLY A 214 5.73 -3.10 -3.55
CA GLY A 214 6.71 -2.72 -4.56
C GLY A 214 6.19 -1.49 -5.26
N PHE A 215 7.10 -0.67 -5.83
CA PHE A 215 6.72 0.48 -6.63
C PHE A 215 6.30 -0.07 -8.01
N VAL A 216 5.10 0.32 -8.47
CA VAL A 216 4.58 -0.14 -9.75
C VAL A 216 5.09 0.75 -10.89
N ILE A 217 5.63 0.13 -11.95
CA ILE A 217 6.12 0.76 -13.16
C ILE A 217 5.50 0.05 -14.39
N ARG A 218 5.61 0.71 -15.54
CA ARG A 218 5.06 0.19 -16.79
C ARG A 218 5.77 -1.12 -17.13
N LYS A 219 4.97 -2.15 -17.48
CA LYS A 219 5.49 -3.49 -17.84
C LYS A 219 6.53 -3.31 -18.95
N GLY A 220 7.74 -3.77 -18.68
CA GLY A 220 8.86 -3.65 -19.60
C GLY A 220 9.76 -2.43 -19.42
N ASN A 221 9.40 -1.52 -18.49
CA ASN A 221 10.24 -0.35 -18.25
C ASN A 221 11.38 -0.78 -17.30
N ASP A 222 12.36 -1.52 -17.85
CA ASP A 222 13.51 -2.06 -17.12
C ASP A 222 14.46 -0.97 -16.60
N ALA A 223 14.62 0.14 -17.35
CA ALA A 223 15.50 1.24 -16.95
C ALA A 223 15.00 1.90 -15.66
N LEU A 224 13.70 2.23 -15.58
CA LEU A 224 13.13 2.81 -14.35
C LEU A 224 13.12 1.78 -13.20
N ARG A 225 12.75 0.53 -13.49
CA ARG A 225 12.74 -0.55 -12.50
C ARG A 225 14.13 -0.76 -11.87
N ASN A 226 15.18 -0.88 -12.71
CA ASN A 226 16.56 -1.11 -12.23
C ASN A 226 17.10 0.07 -11.42
N ALA A 227 16.79 1.30 -11.85
CA ALA A 227 17.19 2.53 -11.14
C ALA A 227 16.50 2.66 -9.77
N LEU A 228 15.19 2.32 -9.68
CA LEU A 228 14.47 2.36 -8.40
C LEU A 228 15.03 1.26 -7.46
N ASP A 229 15.35 0.07 -8.05
CA ASP A 229 15.92 -1.05 -7.30
C ASP A 229 17.26 -0.64 -6.69
N LYS A 230 18.08 0.12 -7.43
CA LYS A 230 19.39 0.59 -6.95
C LYS A 230 19.23 1.53 -5.75
N GLY A 231 18.33 2.52 -5.87
CA GLY A 231 18.03 3.48 -4.82
C GLY A 231 17.44 2.86 -3.57
N LEU A 232 16.51 1.87 -3.74
CA LEU A 232 15.88 1.16 -2.62
C LEU A 232 16.94 0.38 -1.83
N LYS A 233 17.84 -0.30 -2.52
CA LYS A 233 18.91 -1.07 -1.88
C LYS A 233 19.81 -0.12 -1.07
N GLU A 234 20.15 1.06 -1.63
CA GLU A 234 21.01 2.06 -0.98
C GLU A 234 20.35 2.65 0.27
N ALA A 235 19.03 2.92 0.19
CA ALA A 235 18.22 3.48 1.28
C ALA A 235 18.09 2.46 2.41
N MET A 236 18.03 1.16 2.07
CA MET A 236 18.01 0.07 3.03
C MET A 236 19.36 -0.10 3.70
N GLN A 237 20.45 -0.06 2.92
CA GLN A 237 21.80 -0.27 3.45
C GLN A 237 22.31 0.90 4.34
N ASP A 238 21.97 2.16 4.01
CA ASP A 238 22.43 3.30 4.79
C ASP A 238 21.56 3.59 6.04
N GLY A 239 20.52 2.77 6.26
CA GLY A 239 19.61 2.88 7.40
C GLY A 239 18.45 3.85 7.26
N THR A 240 18.28 4.46 6.07
CA THR A 240 17.18 5.40 5.78
C THR A 240 15.85 4.64 5.91
N TRP A 241 15.76 3.42 5.31
CA TRP A 241 14.53 2.61 5.38
C TRP A 241 14.13 2.38 6.83
N LYS A 242 15.09 2.03 7.68
CA LYS A 242 14.87 1.74 9.09
C LYS A 242 14.28 2.97 9.82
N LYS A 243 14.88 4.13 9.57
CA LYS A 243 14.47 5.41 10.17
C LYS A 243 13.04 5.78 9.80
N LEU A 244 12.70 5.60 8.51
CA LEU A 244 11.36 5.90 8.01
C LEU A 244 10.32 4.91 8.55
N HIS A 245 10.70 3.63 8.67
CA HIS A 245 9.85 2.56 9.24
C HIS A 245 9.53 2.84 10.71
N GLU A 246 10.56 3.23 11.51
CA GLU A 246 10.45 3.57 12.95
C GLU A 246 9.54 4.78 13.15
N LYS A 247 9.56 5.72 12.16
CA LYS A 247 8.73 6.91 12.18
C LYS A 247 7.23 6.59 11.96
N TRP A 248 6.92 5.97 10.83
CA TRP A 248 5.54 5.72 10.40
C TRP A 248 4.90 4.50 11.03
N PHE A 249 5.70 3.47 11.38
CA PHE A 249 5.18 2.22 11.96
C PHE A 249 5.85 1.89 13.31
N PRO A 250 5.65 2.73 14.35
CA PRO A 250 6.32 2.46 15.63
C PRO A 250 5.84 1.16 16.23
N GLY A 251 6.79 0.37 16.72
CA GLY A 251 6.49 -0.92 17.32
C GLY A 251 6.21 -2.06 16.35
N THR A 252 6.38 -1.82 15.04
CA THR A 252 6.22 -2.88 14.03
C THR A 252 7.57 -3.56 13.75
N PRO A 253 7.63 -4.91 13.74
CA PRO A 253 8.92 -5.58 13.46
C PRO A 253 9.55 -5.24 12.12
N MET A 254 10.87 -5.16 12.10
CA MET A 254 11.61 -4.86 10.87
C MET A 254 12.47 -6.05 10.43
N PRO A 255 12.22 -6.62 9.24
CA PRO A 255 13.01 -7.78 8.80
C PRO A 255 14.43 -7.43 8.41
N ALA A 256 15.39 -8.34 8.69
CA ALA A 256 16.81 -8.15 8.34
C ALA A 256 17.00 -7.86 6.85
N ALA A 257 16.13 -8.40 5.96
CA ALA A 257 16.18 -8.20 4.51
C ALA A 257 16.16 -6.71 4.11
N TYR A 258 15.47 -5.86 4.91
CA TYR A 258 15.31 -4.44 4.60
C TYR A 258 16.19 -3.52 5.48
N LEU A 259 17.04 -4.13 6.33
CA LEU A 259 17.92 -3.44 7.26
C LEU A 259 19.37 -3.48 6.78
N PRO A 260 20.30 -2.63 7.31
CA PRO A 260 21.70 -2.71 6.88
C PRO A 260 22.28 -4.11 7.08
N LYS A 261 23.07 -4.58 6.11
CA LYS A 261 23.68 -5.90 6.17
C LYS A 261 25.15 -5.80 6.59
N GLN A 262 25.68 -6.88 7.21
CA GLN A 262 27.07 -7.03 7.69
C GLN A 262 27.41 -6.01 8.78
OAB SNW B . 0.73 -7.53 0.85
CAF SNW B . 0.86 -6.39 1.72
CAG SNW B . 2.21 -6.21 2.18
OAC SNW B . 2.69 -7.45 2.85
CAH SNW B . 2.44 -5.06 3.00
OAI SNW B . 1.86 -5.24 4.31
CAO SNW B . 1.84 -3.78 2.40
OAN SNW B . 0.52 -3.98 1.91
CAM SNW B . 0.33 -5.11 1.07
OAQ SNW B . 0.95 -4.90 -0.12
CAL SNW B . -1.14 -5.24 0.74
N SNW B . -1.75 -3.98 0.27
CA SNW B . -3.09 -4.11 -0.27
C SNW B . -2.99 -4.49 -1.72
O SNW B . -1.91 -4.41 -2.33
CB SNW B . -3.87 -2.79 -0.18
CG SNW B . -3.21 -1.53 -0.68
CD SNW B . -3.91 -0.21 -0.45
OE1 SNW B . -5.11 -0.19 -0.29
NE2 SNW B . -3.16 1.00 -0.42
OXT SNW B . -4.00 -4.84 -2.37
C1 EDO C . -3.77 14.88 7.97
O1 EDO C . -2.38 14.87 8.23
C2 EDO C . -4.33 13.44 7.83
O2 EDO C . -4.24 12.74 9.06
C1 EDO D . 6.52 -14.23 -9.04
O1 EDO D . 7.57 -13.45 -9.59
C2 EDO D . 5.31 -13.33 -8.67
O2 EDO D . 5.68 -12.38 -7.68
C1 EDO E . -5.17 -7.34 -8.96
O1 EDO E . -5.15 -8.48 -8.13
C2 EDO E . -5.07 -7.73 -10.45
O2 EDO E . -4.56 -6.63 -11.22
C1 EDO F . 5.57 -11.41 12.20
O1 EDO F . 5.20 -10.73 13.37
C2 EDO F . 6.69 -10.63 11.49
O2 EDO F . 6.26 -9.32 11.16
C1 EDO G . 4.65 9.71 12.84
O1 EDO G . 3.53 8.85 12.63
C2 EDO G . 4.69 10.79 11.75
O2 EDO G . 3.60 11.68 11.91
C1 EDO H . -21.99 -9.68 17.36
O1 EDO H . -21.99 -10.79 16.48
C2 EDO H . -22.81 -8.49 16.78
O2 EDO H . -24.19 -8.81 16.67
#